data_3LRU
#
_entry.id   3LRU
#
_cell.length_a   44.732
_cell.length_b   42.176
_cell.length_c   98.381
_cell.angle_alpha   90.000
_cell.angle_beta   102.000
_cell.angle_gamma   90.000
#
_symmetry.space_group_name_H-M   'P 1 21 1'
#
loop_
_entity.id
_entity.type
_entity.pdbx_description
1 polymer 'Pre-mRNA-processing-splicing factor 8'
2 water water
#
_entity_poly.entity_id   1
_entity_poly.type   'polypeptide(L)'
_entity_poly.pdbx_seq_one_letter_code
;KRLGQLAKWKTAEEVAALIRSLPVEEQPKQIIVTRKGMLDPLEVHLLDFPNIVIKGSELQLPFQACLKVEKFGDLILKAT
EPQMVLFNLYDDWLKTISSYTAFSRLILILRALHVNNDRAKVILKPDKTTITEPHHIWPTLTDEEWIKVEVQLKDLILAD
;
_entity_poly.pdbx_strand_id   A,B
#
# COMPACT_ATOMS: atom_id res chain seq x y z
N LYS A 1 0.84 10.63 -12.19
CA LYS A 1 2.13 9.88 -11.93
C LYS A 1 2.74 10.32 -10.60
N ARG A 2 3.14 9.34 -9.79
CA ARG A 2 3.80 9.64 -8.50
C ARG A 2 5.17 10.23 -8.78
N LEU A 3 5.64 11.10 -7.88
CA LEU A 3 7.00 11.62 -7.94
C LEU A 3 8.04 10.49 -7.79
N GLY A 4 8.89 10.34 -8.80
CA GLY A 4 9.97 9.35 -8.74
C GLY A 4 11.08 9.74 -7.79
N GLN A 5 12.16 8.95 -7.81
CA GLN A 5 13.33 9.17 -6.98
C GLN A 5 14.30 10.17 -7.60
N LEU A 6 14.96 10.93 -6.75
CA LEU A 6 15.94 11.92 -7.19
C LEU A 6 17.15 11.29 -7.92
N ALA A 7 17.97 12.16 -8.50
CA ALA A 7 19.10 11.73 -9.33
C ALA A 7 20.09 10.84 -8.60
N LYS A 8 20.35 11.11 -7.31
CA LYS A 8 21.36 10.34 -6.56
C LYS A 8 21.09 8.83 -6.51
N TRP A 9 19.81 8.45 -6.63
CA TRP A 9 19.40 7.07 -6.51
C TRP A 9 19.63 6.31 -7.77
N LYS A 10 20.41 5.25 -7.61
CA LYS A 10 20.81 4.43 -8.69
C LYS A 10 20.06 3.14 -8.53
N THR A 11 19.86 2.47 -9.65
CA THR A 11 19.26 1.17 -9.66
C THR A 11 20.32 0.13 -9.33
N ALA A 12 19.88 -1.06 -8.96
CA ALA A 12 20.78 -2.16 -8.69
C ALA A 12 21.65 -2.44 -9.91
N GLU A 13 21.07 -2.26 -11.10
CA GLU A 13 21.81 -2.47 -12.36
C GLU A 13 22.91 -1.43 -12.54
N GLU A 14 22.61 -0.17 -12.27
CA GLU A 14 23.61 0.90 -12.35
C GLU A 14 24.75 0.70 -11.37
N VAL A 15 24.44 0.28 -10.16
CA VAL A 15 25.50 0.07 -9.15
C VAL A 15 26.34 -1.14 -9.53
N ALA A 16 25.69 -2.19 -10.04
CA ALA A 16 26.41 -3.37 -10.51
C ALA A 16 27.39 -3.02 -11.66
N ALA A 17 26.93 -2.18 -12.60
CA ALA A 17 27.78 -1.63 -13.68
C ALA A 17 29.00 -0.87 -13.13
N LEU A 18 28.79 -0.02 -12.14
CA LEU A 18 29.89 0.67 -11.46
C LEU A 18 30.90 -0.33 -10.93
N ILE A 19 30.41 -1.35 -10.22
CA ILE A 19 31.30 -2.34 -9.58
C ILE A 19 32.11 -3.09 -10.64
N ARG A 20 31.46 -3.46 -11.74
CA ARG A 20 32.13 -4.21 -12.79
C ARG A 20 33.23 -3.43 -13.54
N SER A 21 33.33 -2.12 -13.31
CA SER A 21 34.36 -1.26 -13.91
C SER A 21 35.57 -1.06 -12.98
N LEU A 22 35.49 -1.69 -11.79
CA LEU A 22 36.58 -1.62 -10.83
C LEU A 22 37.57 -2.75 -11.08
N PRO A 23 38.81 -2.58 -10.58
CA PRO A 23 39.78 -3.70 -10.57
C PRO A 23 39.15 -4.98 -10.00
N VAL A 24 39.29 -6.11 -10.69
CA VAL A 24 38.63 -7.37 -10.25
C VAL A 24 38.84 -7.67 -8.76
N GLU A 25 40.04 -7.43 -8.24
CA GLU A 25 40.33 -7.63 -6.80
C GLU A 25 39.41 -6.83 -5.86
N GLU A 26 38.95 -5.67 -6.31
CA GLU A 26 38.04 -4.79 -5.53
C GLU A 26 36.57 -5.22 -5.55
N GLN A 27 36.17 -5.98 -6.58
CA GLN A 27 34.75 -6.32 -6.78
C GLN A 27 34.11 -7.19 -5.68
N PRO A 28 34.79 -8.28 -5.22
CA PRO A 28 34.21 -9.06 -4.12
C PRO A 28 34.16 -8.34 -2.78
N LYS A 29 34.81 -7.20 -2.68
CA LYS A 29 34.89 -6.42 -1.45
C LYS A 29 33.59 -5.64 -1.17
N GLN A 30 32.81 -5.39 -2.22
CA GLN A 30 31.74 -4.41 -2.18
C GLN A 30 30.61 -4.85 -1.25
N ILE A 31 30.16 -3.91 -0.42
CA ILE A 31 29.17 -4.17 0.64
C ILE A 31 27.94 -3.26 0.52
N ILE A 32 26.77 -3.84 0.77
CA ILE A 32 25.51 -3.11 0.72
C ILE A 32 24.83 -3.14 2.10
N VAL A 33 24.38 -1.97 2.53
CA VAL A 33 23.58 -1.81 3.75
C VAL A 33 22.13 -1.62 3.33
N THR A 34 21.27 -2.51 3.79
CA THR A 34 19.85 -2.47 3.48
C THR A 34 19.09 -1.98 4.70
N ARG A 35 18.11 -1.11 4.44
CA ARG A 35 17.24 -0.54 5.48
C ARG A 35 15.91 -1.29 5.50
N LYS A 36 15.46 -1.70 6.70
CA LYS A 36 14.20 -2.43 6.86
C LYS A 36 13.00 -1.62 6.40
N GLY A 37 11.94 -2.32 6.01
CA GLY A 37 10.73 -1.70 5.50
C GLY A 37 10.48 -2.07 4.05
N MET A 38 9.25 -1.83 3.58
CA MET A 38 8.88 -2.20 2.23
C MET A 38 9.20 -1.03 1.33
N LEU A 39 9.79 -1.34 0.18
CA LEU A 39 10.19 -0.33 -0.78
C LEU A 39 8.97 0.09 -1.63
N ASP A 40 8.78 1.39 -1.80
CA ASP A 40 7.80 1.91 -2.75
C ASP A 40 8.41 2.05 -4.14
N PRO A 41 7.58 2.16 -5.21
CA PRO A 41 6.12 2.27 -5.30
C PRO A 41 5.38 1.08 -4.70
N LEU A 42 4.39 1.36 -3.85
CA LEU A 42 3.51 0.30 -3.39
C LEU A 42 2.52 -0.01 -4.48
N GLU A 43 2.01 -1.23 -4.44
CA GLU A 43 0.98 -1.66 -5.34
C GLU A 43 -0.18 -2.06 -4.42
N VAL A 44 -1.36 -1.52 -4.69
CA VAL A 44 -2.53 -1.76 -3.84
C VAL A 44 -3.69 -2.26 -4.68
N HIS A 45 -4.43 -3.24 -4.17
CA HIS A 45 -5.66 -3.61 -4.89
C HIS A 45 -6.68 -4.27 -3.97
N LEU A 46 -7.94 -4.26 -4.42
CA LEU A 46 -9.09 -4.77 -3.65
C LEU A 46 -9.73 -5.97 -4.38
N LEU A 47 -8.98 -6.57 -5.30
CA LEU A 47 -9.55 -7.67 -6.11
C LEU A 47 -9.76 -8.95 -5.33
N ASP A 48 -9.06 -9.10 -4.22
CA ASP A 48 -9.31 -10.21 -3.29
C ASP A 48 -10.28 -9.78 -2.19
N PHE A 49 -11.19 -8.87 -2.51
CA PHE A 49 -12.24 -8.38 -1.60
C PHE A 49 -12.79 -9.52 -0.72
N PRO A 50 -12.90 -9.33 0.61
CA PRO A 50 -12.72 -8.06 1.29
C PRO A 50 -11.28 -7.69 1.66
N ASN A 51 -10.31 -8.51 1.25
CA ASN A 51 -8.92 -8.14 1.52
C ASN A 51 -8.47 -6.90 0.76
N ILE A 52 -7.54 -6.17 1.38
CA ILE A 52 -6.83 -5.08 0.76
C ILE A 52 -5.40 -5.64 0.72
N VAL A 53 -4.84 -5.74 -0.49
CA VAL A 53 -3.51 -6.35 -0.65
C VAL A 53 -2.57 -5.19 -0.90
N ILE A 54 -1.50 -5.09 -0.12
CA ILE A 54 -0.53 -4.01 -0.30
C ILE A 54 0.83 -4.70 -0.53
N LYS A 55 1.45 -4.39 -1.66
CA LYS A 55 2.71 -5.01 -2.03
C LYS A 55 3.80 -3.95 -2.21
N GLY A 56 4.96 -4.18 -1.62
CA GLY A 56 6.08 -3.29 -1.80
C GLY A 56 6.83 -3.59 -3.08
N SER A 57 7.75 -2.70 -3.44
CA SER A 57 8.64 -2.96 -4.57
C SER A 57 9.82 -3.85 -4.11
N GLU A 58 10.64 -4.29 -5.05
CA GLU A 58 11.86 -5.03 -4.70
C GLU A 58 13.09 -4.30 -5.19
N LEU A 59 14.17 -4.42 -4.41
CA LEU A 59 15.42 -3.71 -4.63
C LEU A 59 16.03 -3.90 -6.03
N GLN A 60 15.88 -5.11 -6.58
CA GLN A 60 16.44 -5.43 -7.89
C GLN A 60 15.48 -5.28 -9.08
N LEU A 61 14.26 -4.83 -8.83
CA LEU A 61 13.30 -4.66 -9.93
C LEU A 61 13.83 -3.71 -10.99
N PRO A 62 13.63 -4.05 -12.28
CA PRO A 62 13.99 -3.12 -13.34
C PRO A 62 13.61 -1.69 -12.99
N PHE A 63 14.58 -0.78 -13.14
CA PHE A 63 14.34 0.65 -12.97
C PHE A 63 13.85 1.07 -11.57
N GLN A 64 14.03 0.19 -10.58
CA GLN A 64 13.89 0.57 -9.18
C GLN A 64 15.14 1.36 -8.70
N ALA A 65 15.01 2.68 -8.63
CA ALA A 65 16.09 3.56 -8.18
C ALA A 65 16.15 3.66 -6.66
N CYS A 66 17.11 2.96 -6.05
CA CYS A 66 17.07 2.83 -4.58
C CYS A 66 18.40 2.78 -3.87
N LEU A 67 19.50 2.95 -4.61
CA LEU A 67 20.83 2.81 -4.04
C LEU A 67 21.69 4.03 -4.26
N LYS A 68 22.42 4.37 -3.19
CA LYS A 68 23.35 5.48 -3.12
C LYS A 68 24.76 4.94 -2.91
N VAL A 69 25.76 5.58 -3.52
CA VAL A 69 27.15 5.19 -3.30
C VAL A 69 27.85 6.29 -2.49
N GLU A 70 28.36 5.95 -1.33
CA GLU A 70 29.09 6.93 -0.53
C GLU A 70 30.47 6.41 -0.11
N LYS A 71 31.38 7.32 0.19
CA LYS A 71 32.73 6.94 0.60
C LYS A 71 32.69 6.06 1.86
N PHE A 72 33.58 5.08 1.92
CA PHE A 72 33.70 4.19 3.09
C PHE A 72 34.02 5.00 4.34
N GLY A 73 33.43 4.59 5.47
CA GLY A 73 33.61 5.27 6.74
C GLY A 73 32.52 4.90 7.74
N ASP A 74 32.24 5.84 8.66
CA ASP A 74 31.09 5.74 9.56
C ASP A 74 29.84 6.13 8.78
N LEU A 75 28.84 5.28 8.77
CA LEU A 75 27.62 5.57 8.03
C LEU A 75 26.82 6.71 8.64
N ILE A 76 26.33 7.59 7.75
CA ILE A 76 25.56 8.75 8.13
C ILE A 76 24.10 8.50 7.72
N LEU A 77 23.29 8.15 8.71
CA LEU A 77 21.90 7.72 8.48
C LEU A 77 20.93 8.55 9.30
N LYS A 78 20.19 9.42 8.62
CA LYS A 78 19.34 10.41 9.29
C LYS A 78 17.94 9.86 9.55
N ALA A 79 17.54 9.82 10.82
CA ALA A 79 16.17 9.48 11.20
C ALA A 79 15.21 10.49 10.58
N THR A 80 14.05 10.03 10.15
CA THR A 80 13.14 10.92 9.42
C THR A 80 11.65 10.62 9.65
N GLU A 81 10.79 11.48 9.10
CA GLU A 81 9.33 11.31 9.14
C GLU A 81 8.91 9.96 8.55
N PRO A 82 7.95 9.26 9.20
CA PRO A 82 7.46 8.02 8.62
C PRO A 82 6.80 8.29 7.26
N GLN A 83 7.02 7.38 6.32
CA GLN A 83 6.39 7.44 5.01
C GLN A 83 4.84 7.38 5.13
N MET A 84 4.16 8.10 4.25
CA MET A 84 2.69 8.01 4.10
C MET A 84 2.42 8.11 2.61
N VAL A 85 1.54 7.23 2.13
CA VAL A 85 1.21 7.12 0.72
C VAL A 85 -0.32 7.19 0.67
N LEU A 86 -0.85 7.89 -0.34
CA LEU A 86 -2.30 7.97 -0.55
C LEU A 86 -2.69 7.27 -1.84
N PHE A 87 -3.64 6.35 -1.73
CA PHE A 87 -4.29 5.81 -2.90
C PHE A 87 -5.70 6.37 -2.90
N ASN A 88 -6.47 6.03 -3.92
CA ASN A 88 -7.79 6.65 -4.03
C ASN A 88 -8.75 5.59 -4.55
N LEU A 89 -9.86 5.41 -3.84
CA LEU A 89 -10.88 4.38 -4.22
C LEU A 89 -11.56 4.70 -5.57
N TYR A 90 -11.44 5.95 -6.02
CA TYR A 90 -11.95 6.41 -7.32
C TYR A 90 -10.85 6.62 -8.37
N ASP A 91 -9.60 6.24 -8.04
CA ASP A 91 -8.46 6.50 -8.94
C ASP A 91 -8.55 7.95 -9.42
N ASP A 92 -8.61 8.17 -10.74
CA ASP A 92 -8.75 9.53 -11.33
C ASP A 92 -10.14 9.85 -11.93
N TRP A 93 -11.15 9.09 -11.51
CA TRP A 93 -12.45 9.22 -12.12
C TRP A 93 -13.00 10.63 -11.96
N LEU A 94 -12.72 11.29 -10.84
CA LEU A 94 -13.33 12.60 -10.59
C LEU A 94 -12.87 13.71 -11.59
N LYS A 95 -11.92 13.42 -12.44
CA LYS A 95 -11.59 14.32 -13.57
C LYS A 95 -12.71 14.44 -14.60
N THR A 96 -13.56 13.43 -14.68
CA THR A 96 -14.58 13.38 -15.71
C THR A 96 -16.01 13.08 -15.22
N ILE A 97 -16.13 12.42 -14.07
CA ILE A 97 -17.46 12.08 -13.54
C ILE A 97 -17.64 12.68 -12.15
N SER A 98 -18.89 12.86 -11.73
CA SER A 98 -19.24 13.40 -10.43
C SER A 98 -18.95 12.44 -9.29
N SER A 99 -18.86 12.98 -8.07
CA SER A 99 -18.73 12.17 -6.83
C SER A 99 -19.85 11.14 -6.67
N TYR A 100 -21.08 11.53 -7.00
CA TYR A 100 -22.24 10.62 -6.95
C TYR A 100 -22.00 9.43 -7.91
N THR A 101 -21.60 9.74 -9.14
CA THR A 101 -21.39 8.72 -10.16
C THR A 101 -20.20 7.82 -9.80
N ALA A 102 -19.14 8.40 -9.27
CA ALA A 102 -17.99 7.60 -8.81
C ALA A 102 -18.38 6.69 -7.64
N PHE A 103 -19.12 7.21 -6.65
CA PHE A 103 -19.57 6.36 -5.54
C PHE A 103 -20.37 5.13 -6.04
N SER A 104 -21.32 5.40 -6.93
CA SER A 104 -22.15 4.35 -7.52
C SER A 104 -21.32 3.30 -8.25
N ARG A 105 -20.36 3.75 -9.05
CA ARG A 105 -19.45 2.82 -9.72
C ARG A 105 -18.65 2.01 -8.71
N LEU A 106 -18.07 2.69 -7.72
CA LEU A 106 -17.30 1.99 -6.68
C LEU A 106 -18.14 0.89 -6.04
N ILE A 107 -19.33 1.21 -5.54
CA ILE A 107 -20.11 0.20 -4.80
C ILE A 107 -20.59 -0.94 -5.69
N LEU A 108 -20.77 -0.63 -6.97
CA LEU A 108 -21.12 -1.69 -7.93
C LEU A 108 -19.95 -2.66 -8.10
N ILE A 109 -18.73 -2.12 -8.23
CA ILE A 109 -17.57 -3.02 -8.36
C ILE A 109 -17.41 -3.84 -7.08
N LEU A 110 -17.52 -3.20 -5.91
CA LEU A 110 -17.40 -3.95 -4.63
C LEU A 110 -18.45 -5.05 -4.46
N ARG A 111 -19.71 -4.74 -4.80
CA ARG A 111 -20.77 -5.73 -4.77
C ARG A 111 -20.51 -6.93 -5.69
N ALA A 112 -20.00 -6.69 -6.89
CA ALA A 112 -19.66 -7.80 -7.82
C ALA A 112 -18.53 -8.66 -7.28
N LEU A 113 -17.51 -8.01 -6.70
CA LEU A 113 -16.39 -8.71 -6.08
C LEU A 113 -16.82 -9.51 -4.87
N HIS A 114 -17.85 -9.02 -4.17
CA HIS A 114 -18.45 -9.74 -3.06
C HIS A 114 -19.26 -10.98 -3.56
N VAL A 115 -20.08 -10.77 -4.59
CA VAL A 115 -20.99 -11.78 -5.11
C VAL A 115 -20.26 -12.90 -5.87
N ASN A 116 -19.33 -12.52 -6.74
CA ASN A 116 -18.65 -13.50 -7.60
C ASN A 116 -17.27 -12.97 -7.95
N ASN A 117 -16.37 -13.19 -7.01
CA ASN A 117 -15.05 -12.61 -7.08
C ASN A 117 -14.26 -13.02 -8.35
N ASP A 118 -14.25 -14.32 -8.69
CA ASP A 118 -13.52 -14.77 -9.90
C ASP A 118 -14.04 -14.18 -11.19
N ARG A 119 -15.37 -14.13 -11.34
CA ARG A 119 -15.94 -13.55 -12.58
C ARG A 119 -15.74 -12.02 -12.66
N ALA A 120 -15.81 -11.34 -11.51
CA ALA A 120 -15.63 -9.88 -11.47
C ALA A 120 -14.24 -9.50 -11.94
N LYS A 121 -13.24 -10.23 -11.50
CA LYS A 121 -11.85 -9.99 -11.91
C LYS A 121 -11.66 -10.10 -13.43
N VAL A 122 -12.35 -11.08 -14.04
CA VAL A 122 -12.30 -11.25 -15.48
C VAL A 122 -12.97 -10.08 -16.18
N ILE A 123 -14.12 -9.66 -15.67
CA ILE A 123 -14.86 -8.52 -16.27
C ILE A 123 -13.98 -7.26 -16.27
N LEU A 124 -13.19 -7.12 -15.22
CA LEU A 124 -12.39 -5.92 -15.00
C LEU A 124 -11.16 -5.89 -15.94
N LYS A 125 -10.91 -7.03 -16.59
CA LYS A 125 -9.86 -7.20 -17.61
C LYS A 125 -10.42 -7.62 -18.98
N PRO A 126 -11.00 -6.66 -19.75
CA PRO A 126 -11.64 -6.95 -21.04
C PRO A 126 -10.74 -7.13 -22.26
N ASP A 127 -9.43 -7.24 -22.07
CA ASP A 127 -8.47 -7.15 -23.17
C ASP A 127 -7.09 -7.49 -22.65
N LYS A 128 -6.30 -8.23 -23.45
CA LYS A 128 -4.92 -8.57 -23.04
C LYS A 128 -4.12 -7.32 -22.63
N THR A 129 -4.52 -6.18 -23.19
CA THR A 129 -3.79 -4.95 -22.93
C THR A 129 -4.52 -4.06 -21.91
N THR A 130 -5.42 -4.63 -21.12
CA THR A 130 -5.99 -3.89 -19.98
C THR A 130 -4.94 -3.78 -18.89
N ILE A 131 -4.56 -2.56 -18.53
CA ILE A 131 -3.72 -2.36 -17.35
C ILE A 131 -4.32 -1.43 -16.30
N THR A 132 -3.77 -1.56 -15.10
CA THR A 132 -4.03 -0.69 -13.97
C THR A 132 -2.71 0.05 -13.74
N GLU A 133 -2.76 1.38 -13.71
CA GLU A 133 -1.59 2.21 -13.41
C GLU A 133 -1.00 1.82 -12.04
N PRO A 134 0.30 2.09 -11.84
CA PRO A 134 0.91 1.65 -10.57
C PRO A 134 0.29 2.37 -9.35
N HIS A 135 -0.21 3.59 -9.56
CA HIS A 135 -0.84 4.40 -8.50
C HIS A 135 -2.37 4.22 -8.44
N HIS A 136 -2.91 3.36 -9.29
CA HIS A 136 -4.36 3.08 -9.35
C HIS A 136 -4.71 1.71 -8.80
N ILE A 137 -5.97 1.55 -8.36
CA ILE A 137 -6.42 0.23 -7.90
C ILE A 137 -7.39 -0.44 -8.92
N TRP A 138 -7.93 0.33 -9.85
CA TRP A 138 -8.86 -0.18 -10.86
C TRP A 138 -8.25 0.00 -12.25
N PRO A 139 -8.74 -0.75 -13.26
CA PRO A 139 -8.23 -0.61 -14.64
C PRO A 139 -8.41 0.76 -15.27
N THR A 140 -7.51 1.08 -16.19
CA THR A 140 -7.59 2.27 -17.03
C THR A 140 -8.53 1.95 -18.19
N LEU A 141 -9.74 2.52 -18.19
CA LEU A 141 -10.72 2.20 -19.22
C LEU A 141 -11.30 3.44 -19.83
N THR A 142 -11.58 3.36 -21.13
CA THR A 142 -12.32 4.43 -21.78
C THR A 142 -13.75 4.49 -21.24
N ASP A 143 -14.47 5.54 -21.59
CA ASP A 143 -15.83 5.69 -21.08
C ASP A 143 -16.77 4.63 -21.61
N GLU A 144 -16.56 4.21 -22.87
CA GLU A 144 -17.32 3.10 -23.44
C GLU A 144 -16.96 1.81 -22.72
N GLU A 145 -15.66 1.63 -22.46
CA GLU A 145 -15.21 0.43 -21.75
C GLU A 145 -15.86 0.33 -20.35
N TRP A 146 -15.91 1.44 -19.61
CA TRP A 146 -16.60 1.47 -18.31
C TRP A 146 -18.09 1.17 -18.42
N ILE A 147 -18.78 1.75 -19.41
CA ILE A 147 -20.20 1.41 -19.65
C ILE A 147 -20.44 -0.11 -19.81
N LYS A 148 -19.63 -0.76 -20.64
CA LYS A 148 -19.69 -2.20 -20.87
C LYS A 148 -19.43 -2.98 -19.59
N VAL A 149 -18.38 -2.62 -18.86
CA VAL A 149 -18.04 -3.30 -17.60
C VAL A 149 -19.21 -3.17 -16.59
N GLU A 150 -19.77 -1.98 -16.45
CA GLU A 150 -20.92 -1.75 -15.54
C GLU A 150 -22.12 -2.64 -15.93
N VAL A 151 -22.43 -2.73 -17.23
CA VAL A 151 -23.40 -3.73 -17.70
C VAL A 151 -23.06 -5.18 -17.29
N GLN A 152 -21.82 -5.60 -17.53
CA GLN A 152 -21.40 -6.93 -17.15
C GLN A 152 -21.42 -7.22 -15.65
N LEU A 153 -20.96 -6.28 -14.84
CA LEU A 153 -21.01 -6.44 -13.38
C LEU A 153 -22.46 -6.57 -12.86
N LYS A 154 -23.36 -5.76 -13.43
CA LYS A 154 -24.79 -5.85 -13.06
C LYS A 154 -25.32 -7.23 -13.43
N ASP A 155 -24.97 -7.71 -14.63
CA ASP A 155 -25.40 -9.07 -15.05
C ASP A 155 -24.83 -10.17 -14.14
N LEU A 156 -23.57 -10.02 -13.71
CA LEU A 156 -22.96 -10.90 -12.72
C LEU A 156 -23.77 -11.00 -11.41
N ILE A 157 -24.15 -9.84 -10.87
CA ILE A 157 -24.90 -9.80 -9.62
C ILE A 157 -26.27 -10.47 -9.79
N LEU A 158 -26.91 -10.18 -10.91
CA LEU A 158 -28.25 -10.73 -11.23
C LEU A 158 -28.22 -12.23 -11.45
N ALA A 159 -27.11 -12.73 -12.00
CA ALA A 159 -26.95 -14.19 -12.19
C ALA A 159 -26.70 -14.93 -10.87
N ASP A 160 -26.34 -14.22 -9.81
CA ASP A 160 -26.29 -14.82 -8.47
C ASP A 160 -26.61 -13.86 -7.33
N TRP B 9 17.87 -8.36 11.59
CA TRP B 9 18.04 -6.88 11.49
C TRP B 9 18.93 -6.39 12.62
N LYS B 10 19.86 -5.49 12.29
CA LYS B 10 20.85 -5.01 13.23
C LYS B 10 20.74 -3.50 13.41
N THR B 11 21.27 -3.03 14.54
CA THR B 11 21.26 -1.61 14.87
C THR B 11 22.41 -0.91 14.12
N ALA B 12 22.37 0.42 14.10
CA ALA B 12 23.44 1.20 13.51
C ALA B 12 24.79 0.82 14.13
N GLU B 13 24.82 0.79 15.46
CA GLU B 13 26.02 0.43 16.21
C GLU B 13 26.53 -0.97 15.89
N GLU B 14 25.63 -1.95 15.72
CA GLU B 14 26.05 -3.31 15.34
C GLU B 14 26.65 -3.38 13.91
N VAL B 15 26.08 -2.61 12.98
CA VAL B 15 26.58 -2.52 11.60
C VAL B 15 27.96 -1.82 11.56
N ALA B 16 28.12 -0.75 12.34
CA ALA B 16 29.42 -0.06 12.48
C ALA B 16 30.51 -1.00 13.01
N ALA B 17 30.11 -1.90 13.90
CA ALA B 17 31.04 -2.87 14.50
C ALA B 17 31.44 -4.00 13.54
N LEU B 18 30.50 -4.47 12.73
CA LEU B 18 30.82 -5.41 11.65
C LEU B 18 31.73 -4.75 10.61
N ILE B 19 31.47 -3.49 10.27
CA ILE B 19 32.26 -2.78 9.25
C ILE B 19 33.75 -2.67 9.63
N ARG B 20 34.03 -1.96 10.72
CA ARG B 20 35.41 -1.76 11.17
C ARG B 20 36.06 -3.07 11.64
N SER B 21 35.23 -4.11 11.73
CA SER B 21 35.56 -5.46 12.19
C SER B 21 36.93 -5.96 11.78
N PRO B 23 38.42 -5.95 7.87
CA PRO B 23 39.49 -5.08 7.40
C PRO B 23 40.75 -5.90 7.09
N VAL B 24 41.92 -5.27 6.90
CA VAL B 24 42.15 -3.83 7.09
C VAL B 24 41.87 -3.04 5.82
N GLU B 25 42.37 -3.55 4.69
CA GLU B 25 42.07 -2.96 3.39
C GLU B 25 41.36 -3.99 2.52
N GLU B 26 40.72 -4.95 3.20
CA GLU B 26 39.63 -5.72 2.62
C GLU B 26 38.37 -4.85 2.58
N GLN B 27 38.47 -3.69 3.21
CA GLN B 27 37.45 -2.66 3.17
C GLN B 27 37.39 -2.00 1.80
N PRO B 28 36.18 -1.84 1.22
CA PRO B 28 36.11 -1.18 -0.09
C PRO B 28 36.25 0.34 0.04
N LYS B 29 36.42 1.04 -1.08
CA LYS B 29 36.53 2.49 -1.06
C LYS B 29 35.15 3.16 -0.92
N GLN B 30 34.10 2.44 -1.29
CA GLN B 30 32.73 2.96 -1.20
C GLN B 30 31.87 1.98 -0.43
N ILE B 31 30.77 2.49 0.14
CA ILE B 31 29.71 1.64 0.70
C ILE B 31 28.39 1.97 -0.03
N ILE B 32 27.65 0.93 -0.41
CA ILE B 32 26.34 1.06 -1.05
C ILE B 32 25.24 1.05 0.01
N VAL B 33 24.36 2.05 -0.03
CA VAL B 33 23.29 2.19 0.97
C VAL B 33 21.95 2.33 0.23
N THR B 34 20.95 1.54 0.65
CA THR B 34 19.60 1.59 0.06
C THR B 34 18.80 2.71 0.72
N ARG B 35 17.87 3.33 -0.01
CA ARG B 35 16.97 4.31 0.59
C ARG B 35 16.00 3.65 1.59
N LYS B 36 15.43 4.44 2.49
CA LYS B 36 14.53 3.93 3.53
C LYS B 36 13.18 3.60 2.93
N GLY B 37 12.64 2.44 3.28
CA GLY B 37 11.32 2.04 2.79
C GLY B 37 10.22 2.47 3.75
N MET B 38 9.07 1.82 3.64
CA MET B 38 7.97 2.06 4.58
C MET B 38 8.01 0.99 5.64
N LEU B 39 8.16 1.44 6.88
CA LEU B 39 8.38 0.57 8.02
C LEU B 39 7.10 -0.10 8.52
N ASP B 40 7.05 -1.42 8.34
CA ASP B 40 5.96 -2.27 8.84
C ASP B 40 6.08 -2.41 10.36
N PRO B 41 4.94 -2.53 11.08
CA PRO B 41 3.56 -2.62 10.61
C PRO B 41 2.98 -1.29 10.08
N LEU B 42 2.23 -1.40 9.00
CA LEU B 42 1.58 -0.26 8.38
C LEU B 42 0.29 0.08 9.14
N GLU B 43 -0.10 1.34 9.09
CA GLU B 43 -1.41 1.79 9.56
C GLU B 43 -2.19 2.11 8.29
N VAL B 44 -3.38 1.51 8.13
CA VAL B 44 -4.21 1.77 6.94
C VAL B 44 -5.60 2.22 7.41
N HIS B 45 -6.14 3.27 6.80
CA HIS B 45 -7.54 3.64 7.06
C HIS B 45 -8.19 4.31 5.85
N LEU B 46 -9.53 4.35 5.87
CA LEU B 46 -10.38 4.91 4.81
C LEU B 46 -11.19 6.13 5.31
N LEU B 47 -10.77 6.68 6.43
CA LEU B 47 -11.52 7.77 7.06
C LEU B 47 -11.44 9.08 6.25
N ASP B 48 -10.40 9.21 5.43
CA ASP B 48 -10.30 10.34 4.45
C ASP B 48 -10.86 9.95 3.06
N PHE B 49 -11.85 9.05 3.06
CA PHE B 49 -12.60 8.67 1.87
C PHE B 49 -12.77 9.84 0.91
N PRO B 50 -12.52 9.65 -0.40
CA PRO B 50 -12.16 8.37 -1.03
C PRO B 50 -10.70 7.97 -0.95
N ASN B 51 -9.88 8.77 -0.28
CA ASN B 51 -8.47 8.41 -0.14
C ASN B 51 -8.29 7.15 0.72
N ILE B 52 -7.28 6.35 0.38
CA ILE B 52 -6.81 5.30 1.25
C ILE B 52 -5.46 5.76 1.80
N VAL B 53 -5.35 5.84 3.13
CA VAL B 53 -4.13 6.35 3.74
C VAL B 53 -3.33 5.16 4.23
N ILE B 54 -2.05 5.06 3.79
CA ILE B 54 -1.11 3.99 4.19
C ILE B 54 0.09 4.68 4.85
N LYS B 55 0.32 4.39 6.14
CA LYS B 55 1.41 5.04 6.88
C LYS B 55 2.37 4.00 7.46
N GLY B 56 3.66 4.28 7.39
CA GLY B 56 4.63 3.39 8.01
C GLY B 56 4.85 3.72 9.47
N SER B 57 5.56 2.82 10.16
CA SER B 57 5.96 3.06 11.54
C SER B 57 7.15 4.00 11.61
N GLU B 58 7.33 4.59 12.80
CA GLU B 58 8.50 5.41 13.17
C GLU B 58 9.25 6.06 12.00
N PHE B 63 18.14 3.92 18.62
CA PHE B 63 18.79 2.61 18.74
C PHE B 63 17.99 1.46 18.10
N GLN B 64 17.18 1.77 17.10
CA GLN B 64 16.32 0.78 16.43
C GLN B 64 17.13 -0.27 15.65
N ALA B 65 16.69 -1.54 15.74
CA ALA B 65 17.24 -2.59 14.89
C ALA B 65 16.55 -2.54 13.50
N CYS B 66 17.23 -1.91 12.54
CA CYS B 66 16.61 -1.64 11.24
C CYS B 66 17.55 -1.82 10.04
N LEU B 67 18.71 -2.45 10.26
CA LEU B 67 19.75 -2.53 9.19
C LEU B 67 20.28 -3.94 8.94
N LYS B 68 20.64 -4.20 7.68
CA LYS B 68 21.40 -5.39 7.32
C LYS B 68 22.63 -4.96 6.53
N VAL B 69 23.69 -5.75 6.61
CA VAL B 69 24.91 -5.42 5.88
C VAL B 69 25.40 -6.73 5.29
N GLU B 70 25.57 -6.75 3.97
CA GLU B 70 25.95 -7.96 3.30
C GLU B 70 26.86 -7.63 2.12
N LYS B 71 27.37 -8.66 1.46
CA LYS B 71 28.11 -8.50 0.22
C LYS B 71 27.13 -8.22 -0.90
N PHE B 72 27.39 -7.14 -1.63
CA PHE B 72 26.60 -6.81 -2.80
C PHE B 72 26.52 -8.02 -3.73
N GLY B 73 27.61 -8.75 -3.89
CA GLY B 73 27.61 -9.99 -4.69
C GLY B 73 26.60 -11.04 -4.28
N ASP B 74 26.19 -11.02 -3.01
CA ASP B 74 25.25 -12.04 -2.53
C ASP B 74 23.83 -11.82 -3.06
N LEU B 75 23.61 -10.67 -3.71
CA LEU B 75 22.42 -10.46 -4.55
C LEU B 75 22.52 -11.31 -5.81
N GLU B 81 11.54 -12.01 -2.83
CA GLU B 81 10.10 -11.78 -3.08
C GLU B 81 9.60 -10.56 -2.30
N PRO B 82 8.81 -9.68 -2.97
CA PRO B 82 8.34 -8.40 -2.38
C PRO B 82 7.50 -8.65 -1.11
N GLN B 83 7.58 -7.73 -0.15
CA GLN B 83 6.75 -7.91 1.05
C GLN B 83 5.30 -7.59 0.71
N MET B 84 4.38 -8.36 1.32
CA MET B 84 2.94 -8.19 1.13
C MET B 84 2.33 -8.02 2.52
N VAL B 85 1.41 -7.07 2.63
CA VAL B 85 0.67 -6.83 3.88
C VAL B 85 -0.81 -6.91 3.49
N LEU B 86 -1.61 -7.61 4.31
CA LEU B 86 -3.07 -7.72 4.15
C LEU B 86 -3.82 -6.94 5.21
N PHE B 87 -4.83 -6.19 4.76
CA PHE B 87 -5.87 -5.72 5.67
C PHE B 87 -7.20 -6.32 5.14
N ASN B 88 -8.28 -6.08 5.87
CA ASN B 88 -9.57 -6.65 5.49
C ASN B 88 -10.57 -5.52 5.72
N LEU B 89 -11.41 -5.27 4.73
CA LEU B 89 -12.44 -4.20 4.82
C LEU B 89 -13.50 -4.52 5.90
N TYR B 90 -13.52 -5.77 6.34
CA TYR B 90 -14.43 -6.22 7.40
C TYR B 90 -13.74 -6.45 8.75
N ASP B 91 -12.44 -6.13 8.86
CA ASP B 91 -11.67 -6.48 10.06
C ASP B 91 -11.99 -7.93 10.49
N ASP B 92 -12.43 -8.11 11.73
CA ASP B 92 -12.76 -9.42 12.28
C ASP B 92 -14.25 -9.69 12.36
N TRP B 93 -15.06 -8.86 11.69
CA TRP B 93 -16.54 -8.95 11.81
C TRP B 93 -17.11 -10.35 11.50
N LEU B 94 -16.49 -11.05 10.57
CA LEU B 94 -17.04 -12.36 10.13
C LEU B 94 -17.00 -13.48 11.20
N LYS B 95 -16.29 -13.23 12.28
CA LYS B 95 -16.45 -14.07 13.47
C LYS B 95 -17.85 -14.00 14.08
N THR B 96 -18.53 -12.87 13.89
CA THR B 96 -19.78 -12.55 14.60
C THR B 96 -20.97 -12.52 13.67
N ILE B 97 -20.76 -11.96 12.47
CA ILE B 97 -21.84 -11.69 11.53
C ILE B 97 -21.60 -12.34 10.17
N SER B 98 -22.65 -12.42 9.36
CA SER B 98 -22.61 -13.00 8.02
C SER B 98 -21.92 -12.06 7.03
N SER B 99 -21.50 -12.56 5.89
CA SER B 99 -20.92 -11.76 4.78
C SER B 99 -21.91 -10.72 4.26
N TYR B 100 -23.18 -11.10 4.22
CA TYR B 100 -24.25 -10.19 3.80
C TYR B 100 -24.29 -9.00 4.76
N THR B 101 -24.28 -9.29 6.05
CA THR B 101 -24.42 -8.24 7.05
C THR B 101 -23.18 -7.35 7.03
N ALA B 102 -22.01 -7.98 6.90
CA ALA B 102 -20.72 -7.26 6.80
C ALA B 102 -20.68 -6.31 5.59
N PHE B 103 -21.06 -6.80 4.41
CA PHE B 103 -21.08 -5.96 3.20
C PHE B 103 -21.97 -4.73 3.43
N SER B 104 -23.13 -5.00 4.02
CA SER B 104 -24.10 -3.94 4.30
C SER B 104 -23.53 -2.87 5.25
N ARG B 105 -22.84 -3.30 6.32
CA ARG B 105 -22.21 -2.37 7.25
C ARG B 105 -21.09 -1.59 6.56
N LEU B 106 -20.31 -2.30 5.75
CA LEU B 106 -19.22 -1.59 5.05
C LEU B 106 -19.76 -0.48 4.15
N ILE B 107 -20.74 -0.79 3.31
CA ILE B 107 -21.27 0.21 2.36
C ILE B 107 -21.95 1.37 3.05
N LEU B 108 -22.60 1.07 4.17
CA LEU B 108 -23.18 2.13 5.02
C LEU B 108 -22.11 3.08 5.57
N ILE B 109 -21.03 2.54 6.13
CA ILE B 109 -19.90 3.36 6.54
C ILE B 109 -19.32 4.18 5.37
N LEU B 110 -19.09 3.53 4.23
CA LEU B 110 -18.51 4.29 3.09
C LEU B 110 -19.46 5.39 2.62
N ARG B 111 -20.76 5.10 2.60
CA ARG B 111 -21.70 6.10 2.12
C ARG B 111 -21.70 7.30 3.09
N ALA B 112 -21.59 7.01 4.38
CA ALA B 112 -21.59 8.10 5.41
C ALA B 112 -20.35 8.96 5.26
N LEU B 113 -19.21 8.31 5.06
CA LEU B 113 -17.92 9.00 4.83
C LEU B 113 -17.91 9.86 3.59
N HIS B 114 -18.63 9.39 2.55
CA HIS B 114 -18.86 10.11 1.29
C HIS B 114 -19.75 11.35 1.50
N VAL B 115 -20.87 11.17 2.21
CA VAL B 115 -21.90 12.23 2.36
C VAL B 115 -21.45 13.32 3.35
N ASN B 116 -20.89 12.90 4.47
CA ASN B 116 -20.53 13.84 5.54
C ASN B 116 -19.30 13.32 6.29
N ASN B 117 -18.15 13.51 5.66
CA ASN B 117 -16.93 12.95 6.16
C ASN B 117 -16.60 13.35 7.63
N ASP B 118 -16.71 14.64 7.96
CA ASP B 118 -16.36 15.10 9.33
C ASP B 118 -17.28 14.47 10.37
N ARG B 119 -18.58 14.44 10.10
CA ARG B 119 -19.51 13.92 11.10
C ARG B 119 -19.37 12.37 11.21
N ALA B 120 -19.15 11.71 10.08
CA ALA B 120 -18.96 10.22 10.12
C ALA B 120 -17.79 9.81 10.99
N LYS B 121 -16.67 10.53 10.88
CA LYS B 121 -15.47 10.23 11.65
C LYS B 121 -15.74 10.37 13.15
N VAL B 122 -16.50 11.40 13.55
CA VAL B 122 -16.95 11.54 14.93
C VAL B 122 -17.86 10.38 15.39
N ILE B 123 -18.80 9.96 14.55
CA ILE B 123 -19.66 8.82 14.91
C ILE B 123 -18.87 7.54 15.16
N LEU B 124 -17.82 7.35 14.38
CA LEU B 124 -17.00 6.12 14.45
C LEU B 124 -16.06 6.16 15.66
N LYS B 125 -15.81 7.34 16.18
CA LYS B 125 -15.09 7.49 17.47
C LYS B 125 -16.06 7.98 18.60
N PRO B 126 -16.90 7.08 19.14
CA PRO B 126 -17.89 7.63 20.09
C PRO B 126 -17.25 8.12 21.40
N THR B 129 -11.24 6.96 23.92
CA THR B 129 -11.02 5.56 24.30
C THR B 129 -11.48 4.53 23.26
N THR B 130 -12.24 4.97 22.25
CA THR B 130 -12.53 4.11 21.10
C THR B 130 -11.24 3.83 20.36
N ILE B 131 -10.93 2.56 20.17
CA ILE B 131 -9.63 2.12 19.64
C ILE B 131 -9.86 1.40 18.33
N THR B 132 -8.99 1.66 17.35
CA THR B 132 -8.86 0.80 16.17
C THR B 132 -7.55 0.01 16.32
N GLU B 133 -7.62 -1.32 16.21
CA GLU B 133 -6.44 -2.19 16.34
C GLU B 133 -5.43 -1.92 15.23
N PRO B 134 -4.12 -2.13 15.51
CA PRO B 134 -3.11 -1.77 14.51
C PRO B 134 -3.36 -2.45 13.14
N HIS B 135 -3.92 -3.66 13.17
CA HIS B 135 -4.17 -4.46 12.00
C HIS B 135 -5.61 -4.30 11.44
N HIS B 136 -6.35 -3.34 11.98
CA HIS B 136 -7.73 -3.10 11.58
C HIS B 136 -7.86 -1.75 10.91
N ILE B 137 -8.95 -1.56 10.17
CA ILE B 137 -9.20 -0.25 9.57
C ILE B 137 -10.39 0.45 10.27
N TRP B 138 -11.21 -0.32 10.98
CA TRP B 138 -12.41 0.19 11.66
C TRP B 138 -12.32 0.03 13.19
N PRO B 139 -13.07 0.85 13.98
CA PRO B 139 -12.94 0.73 15.45
C PRO B 139 -13.41 -0.60 15.99
N THR B 140 -12.93 -0.92 17.20
CA THR B 140 -13.33 -2.10 17.93
C THR B 140 -14.53 -1.70 18.75
N LEU B 141 -15.68 -2.27 18.42
CA LEU B 141 -16.98 -1.93 19.04
C LEU B 141 -17.75 -3.20 19.40
N THR B 142 -18.55 -3.14 20.48
CA THR B 142 -19.40 -4.28 20.82
C THR B 142 -20.53 -4.39 19.80
N ASP B 143 -21.28 -5.48 19.85
CA ASP B 143 -22.42 -5.68 18.96
C ASP B 143 -23.40 -4.53 19.17
N GLU B 144 -23.61 -4.16 20.42
CA GLU B 144 -24.60 -3.11 20.73
C GLU B 144 -24.10 -1.72 20.36
N GLU B 145 -22.80 -1.48 20.53
CA GLU B 145 -22.20 -0.24 20.02
C GLU B 145 -22.31 -0.10 18.50
N TRP B 146 -22.10 -1.20 17.77
CA TRP B 146 -22.33 -1.15 16.30
C TRP B 146 -23.77 -0.82 15.95
N ILE B 147 -24.74 -1.41 16.68
CA ILE B 147 -26.16 -1.06 16.39
C ILE B 147 -26.37 0.45 16.54
N LYS B 148 -25.83 1.05 17.61
CA LYS B 148 -26.00 2.50 17.82
C LYS B 148 -25.32 3.35 16.72
N VAL B 149 -24.11 2.96 16.35
CA VAL B 149 -23.37 3.60 15.26
C VAL B 149 -24.14 3.52 13.93
N GLU B 150 -24.72 2.36 13.62
CA GLU B 150 -25.48 2.19 12.37
C GLU B 150 -26.68 3.11 12.31
N VAL B 151 -27.43 3.19 13.40
CA VAL B 151 -28.50 4.19 13.51
C VAL B 151 -27.96 5.60 13.26
N GLN B 152 -26.84 5.98 13.89
CA GLN B 152 -26.30 7.33 13.68
C GLN B 152 -25.84 7.63 12.25
N LEU B 153 -25.16 6.67 11.63
CA LEU B 153 -24.73 6.82 10.24
C LEU B 153 -25.93 7.00 9.29
N LYS B 154 -27.00 6.24 9.51
CA LYS B 154 -28.23 6.38 8.73
C LYS B 154 -28.79 7.78 8.90
N ASP B 155 -28.85 8.25 10.13
CA ASP B 155 -29.39 9.59 10.39
C ASP B 155 -28.54 10.69 9.74
N LEU B 156 -27.21 10.49 9.77
CA LEU B 156 -26.26 11.34 9.07
C LEU B 156 -26.58 11.41 7.57
N ILE B 157 -26.85 10.26 6.95
CA ILE B 157 -27.11 10.26 5.51
C ILE B 157 -28.45 10.95 5.16
N LEU B 158 -29.46 10.70 5.99
CA LEU B 158 -30.80 11.27 5.84
C LEU B 158 -30.78 12.79 6.02
N ALA B 159 -29.88 13.27 6.87
CA ALA B 159 -29.71 14.71 7.12
C ALA B 159 -29.05 15.45 5.94
N ASP B 160 -28.35 14.74 5.07
CA ASP B 160 -27.72 15.37 3.93
C ASP B 160 -28.67 16.38 3.24
#